data_4IKS
#
_entry.id   4IKS
#
_cell.length_a   47.219
_cell.length_b   77.332
_cell.length_c   47.153
_cell.angle_alpha   90.00
_cell.angle_beta   92.36
_cell.angle_gamma   90.00
#
_symmetry.space_group_name_H-M   'P 1 21 1'
#
loop_
_entity.id
_entity.type
_entity.pdbx_description
1 polymer 'Methionine aminopeptidase 1'
2 non-polymer "N-[5-chloro-6-methyl-2-(pyridin-2-yl)pyrimidin-4-yl]-N'-[6-(trifluoromethyl)pyridin-2-yl]ethane-1,2-diamine"
3 non-polymer 'COBALT (II) ION'
4 non-polymer 'POTASSIUM ION'
5 non-polymer GLYCEROL
6 water water
#
_entity_poly.entity_id   1
_entity_poly.type   'polypeptide(L)'
_entity_poly.pdbx_seq_one_letter_code
;MGSSHHHHHHSSGLVPRGSHMLEDPYRYTGKLRPHYPLMPTRPVPSYIQRPDYADHPLGMSESEQALKGTSQIKLLSSED
IEGMRLVCRLAREVLDVAAGMIKPGVTTEEIDHAVHLACIARNCYPSPLNYYNFPKSCCTSVNEVICHGIPDRRPLQEGD
IVNVDITLYRNGYHGDLNETFFVGEVDDGARKLVQTTYECLMQAIDAVKPGVRYRELGNIIQKHAQANGFSVVRSYCGHG
IHKLFHTAPNVPHYAKNKAVGVMKSGHVFTIEPMICEGGWQDETWPDGWTAVTRDGKRSAQFEHTLLVTDTGCEILTRRL
DSARPHFMS
;
_entity_poly.pdbx_strand_id   A
#
# COMPACT_ATOMS: atom_id res chain seq x y z
N TYR A 26 -3.22 26.66 -4.45
CA TYR A 26 -2.26 25.67 -3.88
C TYR A 26 -0.94 25.69 -4.66
N ARG A 27 0.20 25.76 -3.97
CA ARG A 27 1.48 25.65 -4.67
C ARG A 27 1.96 24.20 -4.70
N TYR A 28 2.02 23.63 -5.89
CA TYR A 28 2.49 22.25 -6.05
C TYR A 28 3.98 22.14 -5.78
N THR A 29 4.38 21.00 -5.21
CA THR A 29 5.73 20.81 -4.71
C THR A 29 6.72 20.35 -5.77
N GLY A 30 6.21 19.80 -6.88
CA GLY A 30 7.04 19.31 -7.96
C GLY A 30 6.41 19.52 -9.31
N LYS A 31 6.77 18.67 -10.27
CA LYS A 31 6.26 18.78 -11.63
C LYS A 31 4.85 18.21 -11.87
N LEU A 32 4.47 17.20 -11.08
CA LEU A 32 3.20 16.51 -11.27
C LEU A 32 2.00 17.40 -10.96
N ARG A 33 0.93 17.25 -11.74
CA ARG A 33 -0.33 17.96 -11.50
C ARG A 33 -1.44 16.90 -11.63
N PRO A 34 -2.62 17.14 -11.00
CA PRO A 34 -3.75 16.23 -11.28
C PRO A 34 -4.27 16.49 -12.68
N HIS A 35 -4.80 15.45 -13.31
CA HIS A 35 -5.29 15.53 -14.66
C HIS A 35 -6.77 15.15 -14.64
N TYR A 36 -7.64 16.16 -14.51
CA TYR A 36 -9.11 16.01 -14.47
C TYR A 36 -9.79 16.21 -15.85
N PRO A 37 -11.09 15.87 -15.96
CA PRO A 37 -11.91 15.21 -14.96
C PRO A 37 -11.60 13.73 -14.89
N LEU A 38 -12.05 13.11 -13.83
CA LEU A 38 -12.01 11.66 -13.73
C LEU A 38 -13.21 11.09 -14.48
N MET A 39 -13.05 9.88 -15.01
CA MET A 39 -14.20 9.14 -15.54
C MET A 39 -15.22 8.91 -14.42
N PRO A 40 -16.53 8.84 -14.77
CA PRO A 40 -17.55 8.57 -13.75
C PRO A 40 -17.19 7.35 -12.88
N THR A 41 -17.55 7.39 -11.61
CA THR A 41 -17.16 6.35 -10.68
C THR A 41 -17.56 4.99 -11.26
N ARG A 42 -16.65 4.02 -11.17
CA ARG A 42 -16.95 2.70 -11.72
C ARG A 42 -17.81 1.86 -10.78
N PRO A 43 -18.92 1.28 -11.29
CA PRO A 43 -19.81 0.45 -10.48
C PRO A 43 -19.22 -0.93 -10.16
N VAL A 44 -19.60 -1.46 -9.00
CA VAL A 44 -19.27 -2.81 -8.61
C VAL A 44 -20.60 -3.60 -8.64
N PRO A 45 -20.68 -4.68 -9.44
CA PRO A 45 -21.95 -5.43 -9.51
C PRO A 45 -22.45 -5.82 -8.14
N SER A 46 -23.77 -5.77 -7.95
CA SER A 46 -24.35 -6.07 -6.64
C SER A 46 -24.02 -7.44 -6.07
N TYR A 47 -23.63 -8.41 -6.90
CA TYR A 47 -23.35 -9.77 -6.36
C TYR A 47 -22.05 -9.88 -5.60
N ILE A 48 -21.16 -8.90 -5.79
CA ILE A 48 -19.93 -8.88 -5.02
C ILE A 48 -20.20 -8.31 -3.65
N GLN A 49 -19.80 -9.04 -2.62
CA GLN A 49 -20.02 -8.62 -1.24
C GLN A 49 -19.26 -7.32 -0.96
N ARG A 50 -19.91 -6.40 -0.27
CA ARG A 50 -19.36 -5.07 0.00
C ARG A 50 -18.96 -4.88 1.46
N PRO A 51 -17.89 -4.11 1.72
CA PRO A 51 -17.57 -3.76 3.09
C PRO A 51 -18.58 -2.71 3.60
N ASP A 52 -18.64 -2.50 4.91
CA ASP A 52 -19.66 -1.57 5.48
C ASP A 52 -19.64 -0.15 4.89
N TYR A 53 -18.45 0.38 4.63
CA TYR A 53 -18.28 1.74 4.14
C TYR A 53 -18.66 1.97 2.67
N ALA A 54 -18.77 0.89 1.89
CA ALA A 54 -19.07 0.96 0.46
C ALA A 54 -20.28 1.84 0.14
N ASP A 55 -21.31 1.74 1.00
CA ASP A 55 -22.58 2.44 0.78
C ASP A 55 -22.82 3.57 1.75
N HIS A 56 -21.81 3.91 2.56
CA HIS A 56 -21.92 5.05 3.47
C HIS A 56 -21.67 6.32 2.65
N PRO A 57 -22.50 7.37 2.85
CA PRO A 57 -22.40 8.60 2.06
C PRO A 57 -21.01 9.26 2.13
N LEU A 58 -20.33 9.19 3.28
CA LEU A 58 -18.98 9.72 3.43
C LEU A 58 -17.94 8.60 3.44
N GLY A 59 -18.38 7.39 3.10
CA GLY A 59 -17.47 6.23 3.06
C GLY A 59 -16.85 5.89 4.39
N MET A 60 -17.57 6.18 5.48
CA MET A 60 -17.10 5.84 6.82
C MET A 60 -17.36 4.38 7.15
N SER A 61 -16.42 3.78 7.86
CA SER A 61 -16.54 2.38 8.26
C SER A 61 -16.90 2.32 9.73
N GLU A 62 -18.11 1.88 10.03
CA GLU A 62 -18.59 1.81 11.40
C GLU A 62 -17.81 0.79 12.23
N SER A 63 -17.52 -0.37 11.66
CA SER A 63 -16.69 -1.39 12.32
C SER A 63 -15.30 -0.86 12.68
N GLU A 64 -14.71 -0.04 11.81
CA GLU A 64 -13.42 0.59 12.13
C GLU A 64 -13.54 1.66 13.19
N GLN A 65 -14.58 2.49 13.08
CA GLN A 65 -14.75 3.57 14.04
C GLN A 65 -15.00 3.08 15.46
N ALA A 66 -15.70 1.94 15.58
CA ALA A 66 -15.95 1.28 16.86
C ALA A 66 -14.67 0.86 17.58
N LEU A 67 -13.61 0.60 16.82
CA LEU A 67 -12.32 0.24 17.41
C LEU A 67 -11.28 1.36 17.35
N LYS A 68 -11.70 2.56 16.92
CA LYS A 68 -10.78 3.68 16.80
C LYS A 68 -10.12 3.99 18.14
N GLY A 69 -8.79 4.05 18.13
CA GLY A 69 -8.03 4.37 19.34
C GLY A 69 -7.77 3.20 20.28
N THR A 70 -8.25 2.00 19.93
CA THR A 70 -7.90 0.79 20.68
C THR A 70 -6.56 0.24 20.19
N SER A 71 -5.80 -0.37 21.10
CA SER A 71 -4.49 -0.90 20.71
C SER A 71 -4.39 -2.41 20.81
N GLN A 72 -5.49 -3.05 21.20
CA GLN A 72 -5.54 -4.49 21.26
C GLN A 72 -5.54 -5.09 19.85
N ILE A 73 -4.80 -6.18 19.69
CA ILE A 73 -4.61 -6.81 18.37
C ILE A 73 -5.35 -8.15 18.25
N LYS A 74 -6.13 -8.29 17.20
CA LYS A 74 -6.84 -9.54 16.94
C LYS A 74 -5.87 -10.71 16.83
N LEU A 75 -6.23 -11.82 17.45
CA LEU A 75 -5.57 -13.10 17.20
C LEU A 75 -6.48 -13.88 16.27
N LEU A 76 -6.04 -14.06 15.04
CA LEU A 76 -6.87 -14.68 14.02
C LEU A 76 -7.13 -16.16 14.28
N SER A 77 -8.38 -16.57 14.05
CA SER A 77 -8.77 -17.97 14.05
C SER A 77 -8.27 -18.70 12.80
N SER A 78 -8.34 -20.03 12.85
CA SER A 78 -8.06 -20.86 11.68
C SER A 78 -8.82 -20.40 10.44
N GLU A 79 -10.10 -20.10 10.63
CA GLU A 79 -10.97 -19.66 9.57
C GLU A 79 -10.53 -18.30 9.04
N ASP A 80 -10.10 -17.44 9.95
CA ASP A 80 -9.64 -16.09 9.61
C ASP A 80 -8.38 -16.17 8.75
N ILE A 81 -7.46 -17.06 9.13
CA ILE A 81 -6.20 -17.25 8.42
C ILE A 81 -6.44 -17.75 6.99
N GLU A 82 -7.32 -18.73 6.82
CA GLU A 82 -7.68 -19.17 5.48
C GLU A 82 -8.34 -18.06 4.66
N GLY A 83 -9.16 -17.23 5.31
CA GLY A 83 -9.80 -16.10 4.63
C GLY A 83 -8.74 -15.09 4.17
N MET A 84 -7.74 -14.86 5.03
CA MET A 84 -6.66 -13.93 4.73
C MET A 84 -5.74 -14.46 3.65
N ARG A 85 -5.43 -15.76 3.73
CA ARG A 85 -4.68 -16.39 2.67
C ARG A 85 -5.34 -16.23 1.29
N LEU A 86 -6.64 -16.45 1.22
CA LEU A 86 -7.35 -16.33 -0.06
C LEU A 86 -7.32 -14.90 -0.63
N VAL A 87 -7.76 -13.92 0.15
CA VAL A 87 -7.86 -12.54 -0.38
C VAL A 87 -6.48 -11.97 -0.68
N CYS A 88 -5.49 -12.33 0.14
CA CYS A 88 -4.11 -11.88 -0.12
C CYS A 88 -3.57 -12.47 -1.44
N ARG A 89 -3.92 -13.72 -1.73
CA ARG A 89 -3.47 -14.33 -2.99
C ARG A 89 -4.12 -13.64 -4.18
N LEU A 90 -5.41 -13.35 -4.06
CA LEU A 90 -6.16 -12.68 -5.12
C LEU A 90 -5.65 -11.25 -5.32
N ALA A 91 -5.29 -10.59 -4.23
CA ALA A 91 -4.73 -9.23 -4.30
C ALA A 91 -3.42 -9.23 -5.07
N ARG A 92 -2.53 -10.19 -4.75
CA ARG A 92 -1.32 -10.38 -5.56
C ARG A 92 -1.63 -10.55 -7.05
N GLU A 93 -2.61 -11.39 -7.38
CA GLU A 93 -2.98 -11.55 -8.81
C GLU A 93 -3.31 -10.22 -9.50
N VAL A 94 -4.05 -9.38 -8.79
CA VAL A 94 -4.47 -8.07 -9.30
C VAL A 94 -3.28 -7.12 -9.42
N LEU A 95 -2.38 -7.12 -8.45
CA LEU A 95 -1.18 -6.28 -8.56
C LEU A 95 -0.38 -6.70 -9.81
N ASP A 96 -0.30 -8.01 -10.04
CA ASP A 96 0.43 -8.53 -11.20
C ASP A 96 -0.21 -8.09 -12.53
N VAL A 97 -1.54 -8.02 -12.57
CA VAL A 97 -2.23 -7.40 -13.72
C VAL A 97 -1.76 -5.94 -13.94
N ALA A 98 -1.76 -5.14 -12.87
CA ALA A 98 -1.33 -3.76 -12.96
C ALA A 98 0.11 -3.66 -13.46
N ALA A 99 0.99 -4.50 -12.93
CA ALA A 99 2.40 -4.54 -13.29
C ALA A 99 2.59 -4.69 -14.82
N GLY A 100 1.82 -5.58 -15.45
CA GLY A 100 1.89 -5.81 -16.89
C GLY A 100 1.53 -4.62 -17.76
N MET A 101 0.87 -3.62 -17.17
CA MET A 101 0.43 -2.43 -17.90
C MET A 101 1.31 -1.20 -17.78
N ILE A 102 2.41 -1.32 -17.06
CA ILE A 102 3.25 -0.17 -16.78
C ILE A 102 4.16 0.07 -18.00
N LYS A 103 3.78 1.05 -18.80
CA LYS A 103 4.59 1.42 -19.96
C LYS A 103 4.38 2.90 -20.24
N PRO A 104 5.32 3.53 -20.96
CA PRO A 104 5.09 4.93 -21.33
C PRO A 104 3.78 5.09 -22.08
N GLY A 105 3.04 6.15 -21.77
CA GLY A 105 1.81 6.50 -22.48
C GLY A 105 0.52 6.01 -21.83
N VAL A 106 0.61 4.96 -21.01
CA VAL A 106 -0.58 4.44 -20.32
C VAL A 106 -0.96 5.40 -19.18
N THR A 107 -2.25 5.76 -19.07
CA THR A 107 -2.64 6.63 -17.97
C THR A 107 -2.87 5.82 -16.70
N THR A 108 -2.73 6.47 -15.56
CA THR A 108 -3.06 5.77 -14.30
C THR A 108 -4.54 5.39 -14.22
N GLU A 109 -5.42 6.19 -14.83
CA GLU A 109 -6.85 5.80 -14.93
C GLU A 109 -7.07 4.46 -15.62
N GLU A 110 -6.34 4.23 -16.71
CA GLU A 110 -6.38 2.98 -17.44
C GLU A 110 -5.95 1.81 -16.53
N ILE A 111 -4.90 2.02 -15.76
CA ILE A 111 -4.42 0.98 -14.81
C ILE A 111 -5.55 0.67 -13.81
N ASP A 112 -6.15 1.73 -13.28
CA ASP A 112 -7.22 1.57 -12.30
C ASP A 112 -8.41 0.81 -12.92
N HIS A 113 -8.74 1.08 -14.19
CA HIS A 113 -9.89 0.40 -14.82
C HIS A 113 -9.62 -1.11 -14.88
N ALA A 114 -8.41 -1.47 -15.28
CA ALA A 114 -8.00 -2.87 -15.41
C ALA A 114 -8.03 -3.53 -14.05
N VAL A 115 -7.52 -2.79 -13.05
CA VAL A 115 -7.55 -3.26 -11.65
C VAL A 115 -8.98 -3.53 -11.18
N HIS A 116 -9.86 -2.56 -11.47
CA HIS A 116 -11.26 -2.62 -11.04
C HIS A 116 -11.87 -3.87 -11.64
N LEU A 117 -11.64 -4.06 -12.92
CA LEU A 117 -12.21 -5.24 -13.61
C LEU A 117 -11.66 -6.55 -13.08
N ALA A 118 -10.37 -6.54 -12.78
CA ALA A 118 -9.67 -7.72 -12.26
C ALA A 118 -10.15 -8.12 -10.88
N CYS A 119 -10.51 -7.13 -10.04
CA CYS A 119 -11.10 -7.42 -8.73
C CYS A 119 -12.45 -8.10 -8.94
N ILE A 120 -13.25 -7.52 -9.84
CA ILE A 120 -14.62 -8.02 -10.13
C ILE A 120 -14.53 -9.47 -10.63
N ALA A 121 -13.59 -9.70 -11.54
CA ALA A 121 -13.38 -11.04 -12.09
C ALA A 121 -13.02 -12.10 -11.04
N ARG A 122 -12.46 -11.65 -9.90
CA ARG A 122 -12.11 -12.56 -8.80
C ARG A 122 -13.13 -12.48 -7.68
N ASN A 123 -14.31 -11.97 -7.99
CA ASN A 123 -15.38 -11.84 -6.99
C ASN A 123 -14.96 -11.10 -5.74
N CYS A 124 -14.15 -10.06 -5.94
CA CYS A 124 -13.73 -9.20 -4.86
C CYS A 124 -14.18 -7.75 -5.09
N TYR A 125 -14.40 -7.07 -3.99
CA TYR A 125 -14.59 -5.62 -3.95
C TYR A 125 -13.21 -4.92 -3.85
N PRO A 126 -12.99 -3.85 -4.63
CA PRO A 126 -11.73 -3.09 -4.49
C PRO A 126 -11.81 -2.19 -3.28
N SER A 127 -11.10 -2.58 -2.23
CA SER A 127 -11.28 -1.93 -0.93
C SER A 127 -11.16 -0.41 -0.95
N PRO A 128 -10.21 0.17 -1.76
CA PRO A 128 -10.11 1.65 -1.73
C PRO A 128 -11.36 2.41 -2.22
N LEU A 129 -12.21 1.76 -3.01
CA LEU A 129 -13.37 2.39 -3.63
C LEU A 129 -14.39 2.87 -2.61
N ASN A 130 -14.55 4.18 -2.55
CA ASN A 130 -15.42 4.86 -1.57
C ASN A 130 -15.00 4.73 -0.10
N TYR A 131 -13.79 4.24 0.15
CA TYR A 131 -13.27 4.21 1.51
C TYR A 131 -12.95 5.64 1.90
N TYR A 132 -13.73 6.15 2.86
CA TYR A 132 -13.70 7.59 3.17
C TYR A 132 -13.78 8.47 1.90
N ASN A 133 -14.60 8.00 0.96
CA ASN A 133 -14.93 8.70 -0.28
C ASN A 133 -13.79 8.73 -1.29
N PHE A 134 -12.73 7.96 -1.04
CA PHE A 134 -11.67 7.82 -2.03
C PHE A 134 -12.36 7.41 -3.34
N PRO A 135 -12.09 8.12 -4.45
CA PRO A 135 -12.86 7.99 -5.71
C PRO A 135 -12.56 6.79 -6.62
N LYS A 136 -11.43 6.10 -6.40
CA LYS A 136 -10.97 5.07 -7.34
C LYS A 136 -10.75 3.70 -6.64
N SER A 137 -10.28 2.69 -7.37
CA SER A 137 -10.23 1.35 -6.84
C SER A 137 -8.83 0.92 -6.45
N CYS A 138 -7.84 1.80 -6.66
CA CYS A 138 -6.47 1.54 -6.23
C CYS A 138 -5.79 2.90 -6.16
N CYS A 139 -4.59 2.94 -5.56
CA CYS A 139 -3.82 4.21 -5.49
C CYS A 139 -2.60 4.07 -6.38
N THR A 140 -2.37 5.11 -7.19
CA THR A 140 -1.28 5.16 -8.16
C THR A 140 -0.45 6.42 -7.83
N SER A 141 0.77 6.20 -7.36
CA SER A 141 1.60 7.27 -6.83
C SER A 141 2.88 7.43 -7.64
N VAL A 142 2.87 8.44 -8.51
CA VAL A 142 3.99 8.75 -9.40
C VAL A 142 5.03 9.66 -8.75
N ASN A 143 6.32 9.32 -8.89
CA ASN A 143 7.44 10.21 -8.52
C ASN A 143 7.30 10.79 -7.12
N GLU A 144 7.04 12.10 -7.02
CA GLU A 144 6.98 12.78 -5.71
C GLU A 144 5.74 12.45 -4.90
N VAL A 145 4.79 11.69 -5.47
CA VAL A 145 3.65 11.28 -4.65
C VAL A 145 4.11 10.13 -3.75
N ILE A 146 3.96 10.33 -2.44
CA ILE A 146 4.32 9.35 -1.42
C ILE A 146 3.34 8.18 -1.37
N CYS A 147 2.05 8.52 -1.33
CA CYS A 147 1.01 7.51 -1.34
C CYS A 147 -0.32 8.16 -1.64
N HIS A 148 -1.34 7.35 -1.86
CA HIS A 148 -2.71 7.81 -2.06
C HIS A 148 -2.95 8.67 -3.31
N GLY A 149 -2.07 8.53 -4.30
CA GLY A 149 -2.31 9.14 -5.60
C GLY A 149 -3.61 8.64 -6.21
N ILE A 150 -4.36 9.57 -6.81
CA ILE A 150 -5.66 9.23 -7.41
C ILE A 150 -5.44 8.94 -8.89
N PRO A 151 -5.78 7.71 -9.34
CA PRO A 151 -5.66 7.44 -10.79
C PRO A 151 -6.37 8.51 -11.64
N ASP A 152 -5.68 9.03 -12.66
CA ASP A 152 -6.25 10.14 -13.47
C ASP A 152 -5.77 10.10 -14.94
N ARG A 153 -6.00 11.17 -15.70
CA ARG A 153 -5.78 11.10 -17.13
C ARG A 153 -4.33 11.30 -17.56
N ARG A 154 -3.40 11.41 -16.59
CA ARG A 154 -1.98 11.62 -16.94
C ARG A 154 -1.35 10.34 -17.49
N PRO A 155 -0.85 10.39 -18.75
CA PRO A 155 -0.05 9.26 -19.24
C PRO A 155 1.29 9.18 -18.55
N LEU A 156 1.71 7.96 -18.22
CA LEU A 156 3.01 7.73 -17.63
C LEU A 156 4.10 8.13 -18.62
N GLN A 157 5.17 8.72 -18.09
CA GLN A 157 6.27 9.20 -18.90
C GLN A 157 7.47 8.32 -18.65
N GLU A 158 8.21 8.03 -19.72
CA GLU A 158 9.51 7.34 -19.62
C GLU A 158 10.35 8.03 -18.55
N GLY A 159 10.95 7.26 -17.64
CA GLY A 159 11.71 7.88 -16.55
C GLY A 159 10.94 7.94 -15.24
N ASP A 160 9.61 7.88 -15.33
CA ASP A 160 8.75 7.90 -14.13
C ASP A 160 8.99 6.65 -13.29
N ILE A 161 8.80 6.80 -11.99
CA ILE A 161 8.56 5.62 -11.14
C ILE A 161 7.13 5.75 -10.63
N VAL A 162 6.46 4.61 -10.47
CA VAL A 162 5.05 4.60 -10.07
C VAL A 162 4.73 3.41 -9.15
N ASN A 163 4.16 3.74 -8.00
CA ASN A 163 3.62 2.73 -7.09
C ASN A 163 2.13 2.47 -7.38
N VAL A 164 1.75 1.19 -7.42
CA VAL A 164 0.34 0.81 -7.42
C VAL A 164 0.08 0.05 -6.11
N ASP A 165 -0.89 0.55 -5.33
CA ASP A 165 -1.29 -0.03 -4.05
C ASP A 165 -2.72 -0.63 -4.20
N ILE A 166 -2.76 -1.93 -3.96
CA ILE A 166 -3.93 -2.76 -4.23
C ILE A 166 -4.46 -3.24 -2.88
N THR A 167 -5.77 -3.13 -2.66
CA THR A 167 -6.38 -3.90 -1.59
C THR A 167 -7.73 -4.47 -2.05
N LEU A 168 -7.93 -5.75 -1.77
CA LEU A 168 -9.17 -6.44 -2.16
C LEU A 168 -9.90 -6.89 -0.93
N TYR A 169 -11.22 -7.04 -1.08
CA TYR A 169 -12.10 -7.47 0.00
C TYR A 169 -12.92 -8.67 -0.49
N ARG A 170 -12.88 -9.77 0.25
CA ARG A 170 -13.53 -11.02 -0.15
C ARG A 170 -14.00 -11.72 1.12
N ASN A 171 -15.32 -11.97 1.23
CA ASN A 171 -15.82 -12.79 2.32
C ASN A 171 -15.51 -12.22 3.72
N GLY A 172 -15.48 -10.88 3.84
CA GLY A 172 -15.26 -10.26 5.11
C GLY A 172 -13.81 -9.90 5.41
N TYR A 173 -12.90 -10.18 4.47
CA TYR A 173 -11.45 -9.98 4.72
C TYR A 173 -10.78 -9.09 3.68
N HIS A 174 -9.87 -8.23 4.14
CA HIS A 174 -9.06 -7.37 3.25
C HIS A 174 -7.61 -7.89 3.07
N GLY A 175 -7.06 -7.78 1.85
CA GLY A 175 -5.64 -8.14 1.60
C GLY A 175 -4.98 -7.03 0.79
N ASP A 176 -3.75 -6.67 1.15
CA ASP A 176 -3.20 -5.34 0.84
C ASP A 176 -1.73 -5.55 0.47
N LEU A 177 -1.35 -5.09 -0.73
CA LEU A 177 0.07 -5.02 -1.10
C LEU A 177 0.32 -3.89 -2.08
N ASN A 178 1.60 -3.54 -2.25
CA ASN A 178 1.98 -2.55 -3.23
C ASN A 178 3.42 -2.75 -3.70
N GLU A 179 3.68 -2.32 -4.92
CA GLU A 179 5.03 -2.30 -5.46
C GLU A 179 5.24 -1.01 -6.22
N THR A 180 6.51 -0.57 -6.28
CA THR A 180 6.90 0.52 -7.16
C THR A 180 7.52 -0.06 -8.44
N PHE A 181 7.17 0.55 -9.56
CA PHE A 181 7.57 0.08 -10.89
C PHE A 181 8.35 1.16 -11.63
N PHE A 182 9.16 0.74 -12.61
CA PHE A 182 9.89 1.65 -13.49
C PHE A 182 9.06 1.78 -14.76
N VAL A 183 8.97 3.01 -15.27
CA VAL A 183 8.33 3.27 -16.56
C VAL A 183 9.46 3.46 -17.57
N GLY A 184 9.66 2.45 -18.41
CA GLY A 184 10.80 2.43 -19.32
C GLY A 184 12.11 2.60 -18.57
N GLU A 185 13.06 3.27 -19.20
CA GLU A 185 14.39 3.46 -18.58
C GLU A 185 14.36 4.59 -17.58
N VAL A 186 14.90 4.34 -16.39
CA VAL A 186 14.92 5.34 -15.32
C VAL A 186 16.37 5.69 -14.97
N ASP A 187 16.57 6.81 -14.30
CA ASP A 187 17.93 7.20 -13.94
C ASP A 187 18.48 6.40 -12.75
N ASP A 188 19.78 6.50 -12.52
CA ASP A 188 20.44 5.76 -11.44
C ASP A 188 19.84 6.03 -10.07
N GLY A 189 19.44 7.28 -9.82
CA GLY A 189 18.84 7.63 -8.54
C GLY A 189 17.51 6.92 -8.28
N ALA A 190 16.68 6.83 -9.32
CA ALA A 190 15.41 6.09 -9.24
C ALA A 190 15.68 4.61 -8.93
N ARG A 191 16.65 4.00 -9.63
CA ARG A 191 17.07 2.61 -9.36
C ARG A 191 17.53 2.41 -7.93
N LYS A 192 18.40 3.29 -7.44
CA LYS A 192 18.83 3.22 -6.06
C LYS A 192 17.69 3.40 -5.06
N LEU A 193 16.76 4.33 -5.33
CA LEU A 193 15.69 4.60 -4.37
C LEU A 193 14.79 3.35 -4.30
N VAL A 194 14.45 2.81 -5.45
CA VAL A 194 13.50 1.70 -5.50
C VAL A 194 14.10 0.45 -4.86
N GLN A 195 15.36 0.16 -5.20
CA GLN A 195 16.09 -0.98 -4.65
C GLN A 195 16.20 -0.86 -3.14
N THR A 196 16.61 0.31 -2.67
CA THR A 196 16.76 0.52 -1.25
C THR A 196 15.42 0.36 -0.51
N THR A 197 14.33 0.88 -1.07
CA THR A 197 13.02 0.80 -0.42
C THR A 197 12.63 -0.69 -0.28
N TYR A 198 12.80 -1.45 -1.36
CA TYR A 198 12.51 -2.89 -1.29
C TYR A 198 13.37 -3.60 -0.22
N GLU A 199 14.65 -3.25 -0.18
CA GLU A 199 15.57 -3.79 0.85
C GLU A 199 15.13 -3.43 2.25
N CYS A 200 14.68 -2.19 2.47
CA CYS A 200 14.05 -1.80 3.77
C CYS A 200 12.89 -2.71 4.18
N LEU A 201 11.99 -2.96 3.23
CA LEU A 201 10.86 -3.83 3.48
C LEU A 201 11.32 -5.25 3.89
N MET A 202 12.22 -5.82 3.10
CA MET A 202 12.66 -7.20 3.29
C MET A 202 13.45 -7.36 4.58
N GLN A 203 14.28 -6.37 4.91
CA GLN A 203 14.97 -6.41 6.20
C GLN A 203 14.01 -6.36 7.39
N ALA A 204 12.95 -5.56 7.29
CA ALA A 204 11.94 -5.51 8.35
C ALA A 204 11.16 -6.83 8.47
N ILE A 205 10.76 -7.38 7.33
CA ILE A 205 10.05 -8.67 7.33
C ILE A 205 10.91 -9.77 7.96
N ASP A 206 12.22 -9.74 7.68
CA ASP A 206 13.15 -10.73 8.19
C ASP A 206 13.23 -10.69 9.71
N ALA A 207 12.92 -9.54 10.30
CA ALA A 207 12.91 -9.40 11.75
C ALA A 207 11.59 -9.85 12.43
N VAL A 208 10.56 -10.13 11.65
CA VAL A 208 9.22 -10.42 12.20
C VAL A 208 9.11 -11.84 12.78
N LYS A 209 8.75 -11.93 14.08
CA LYS A 209 8.54 -13.23 14.74
C LYS A 209 7.92 -12.97 16.12
N PRO A 210 7.26 -13.98 16.72
CA PRO A 210 6.67 -13.73 18.04
C PRO A 210 7.69 -13.13 19.00
N GLY A 211 7.25 -12.13 19.79
CA GLY A 211 8.09 -11.51 20.82
C GLY A 211 8.84 -10.25 20.45
N VAL A 212 8.86 -9.92 19.15
CA VAL A 212 9.49 -8.70 18.69
C VAL A 212 8.49 -7.55 18.85
N ARG A 213 8.99 -6.40 19.29
CA ARG A 213 8.15 -5.23 19.46
C ARG A 213 7.87 -4.62 18.09
N TYR A 214 6.63 -4.18 17.88
CA TYR A 214 6.28 -3.50 16.61
C TYR A 214 7.16 -2.28 16.37
N ARG A 215 7.54 -1.57 17.45
CA ARG A 215 8.33 -0.35 17.30
C ARG A 215 9.74 -0.59 16.79
N GLU A 216 10.18 -1.85 16.80
CA GLU A 216 11.54 -2.21 16.38
C GLU A 216 11.72 -2.10 14.86
N LEU A 217 10.66 -2.35 14.11
CA LEU A 217 10.73 -2.40 12.64
C LEU A 217 11.21 -1.07 12.06
N GLY A 218 10.71 0.03 12.61
CA GLY A 218 11.15 1.38 12.20
C GLY A 218 12.64 1.62 12.43
N ASN A 219 13.20 1.08 13.50
CA ASN A 219 14.63 1.15 13.72
C ASN A 219 15.40 0.50 12.56
N ILE A 220 14.96 -0.69 12.12
CA ILE A 220 15.62 -1.42 11.04
C ILE A 220 15.48 -0.68 9.71
N ILE A 221 14.27 -0.22 9.43
CA ILE A 221 13.99 0.46 8.17
C ILE A 221 14.81 1.74 8.03
N GLN A 222 14.75 2.59 9.07
CA GLN A 222 15.47 3.88 9.00
C GLN A 222 16.99 3.67 8.90
N LYS A 223 17.51 2.70 9.64
CA LYS A 223 18.95 2.41 9.59
C LYS A 223 19.39 2.19 8.15
N HIS A 224 18.66 1.36 7.40
CA HIS A 224 19.00 1.09 6.01
C HIS A 224 18.80 2.29 5.04
N ALA A 225 17.68 3.01 5.21
CA ALA A 225 17.37 4.16 4.34
C ALA A 225 18.42 5.25 4.52
N GLN A 226 18.70 5.55 5.78
CA GLN A 226 19.69 6.56 6.18
C GLN A 226 21.08 6.20 5.64
N ALA A 227 21.46 4.93 5.74
CA ALA A 227 22.73 4.45 5.19
C ALA A 227 22.86 4.68 3.68
N ASN A 228 21.74 4.84 3.00
CA ASN A 228 21.75 5.07 1.55
C ASN A 228 21.37 6.49 1.13
N GLY A 229 21.31 7.38 2.11
CA GLY A 229 21.15 8.81 1.85
C GLY A 229 19.69 9.20 1.68
N PHE A 230 18.79 8.31 2.09
CA PHE A 230 17.35 8.53 1.96
C PHE A 230 16.69 8.76 3.32
N SER A 231 15.50 9.34 3.29
CA SER A 231 14.71 9.63 4.50
C SER A 231 13.42 8.81 4.54
N VAL A 232 12.76 8.81 5.69
CA VAL A 232 11.63 7.91 5.97
C VAL A 232 10.37 8.72 6.31
N VAL A 233 9.30 8.53 5.57
CA VAL A 233 8.05 9.24 5.79
C VAL A 233 7.51 8.89 7.17
N ARG A 234 7.03 9.91 7.88
CA ARG A 234 6.57 9.74 9.23
C ARG A 234 5.06 9.76 9.40
N SER A 235 4.33 10.34 8.45
CA SER A 235 2.90 10.56 8.64
C SER A 235 2.02 9.36 8.31
N TYR A 236 2.60 8.38 7.65
CA TYR A 236 1.88 7.19 7.19
C TYR A 236 2.63 5.96 7.66
N CYS A 237 1.87 4.95 8.09
CA CYS A 237 2.39 3.76 8.79
C CYS A 237 1.77 2.46 8.27
N GLY A 238 2.41 1.33 8.58
CA GLY A 238 1.79 0.01 8.38
C GLY A 238 0.65 -0.14 9.34
N HIS A 239 -0.13 -1.21 9.20
CA HIS A 239 -1.35 -1.31 9.96
C HIS A 239 -1.81 -2.74 10.07
N GLY A 240 -2.52 -3.03 11.15
CA GLY A 240 -3.32 -4.25 11.22
C GLY A 240 -4.33 -4.29 10.09
N ILE A 241 -4.64 -5.50 9.64
CA ILE A 241 -5.61 -5.69 8.58
C ILE A 241 -6.16 -7.09 8.69
N HIS A 242 -7.47 -7.22 8.51
CA HIS A 242 -8.14 -8.53 8.48
C HIS A 242 -9.61 -8.27 8.08
N LYS A 243 -10.54 -8.28 9.04
CA LYS A 243 -11.93 -7.92 8.80
C LYS A 243 -12.08 -6.40 8.66
N LEU A 244 -11.08 -5.67 9.13
CA LEU A 244 -10.94 -4.21 8.93
C LEU A 244 -9.80 -3.91 7.94
N PHE A 245 -9.95 -2.84 7.17
CA PHE A 245 -8.91 -2.38 6.21
C PHE A 245 -7.69 -1.87 7.00
N HIS A 246 -7.92 -0.94 7.94
CA HIS A 246 -6.85 -0.43 8.81
C HIS A 246 -7.29 -0.53 10.27
N THR A 247 -6.47 -1.22 11.05
CA THR A 247 -6.71 -1.34 12.47
C THR A 247 -5.40 -1.52 13.25
N ALA A 248 -5.48 -1.78 14.57
CA ALA A 248 -4.27 -2.00 15.37
C ALA A 248 -3.53 -3.26 14.89
N PRO A 249 -2.19 -3.25 14.91
CA PRO A 249 -1.26 -2.20 15.32
C PRO A 249 -0.98 -1.14 14.28
N ASN A 250 -0.71 0.08 14.75
CA ASN A 250 -0.09 1.10 13.94
C ASN A 250 1.39 0.78 13.87
N VAL A 251 1.95 0.78 12.66
CA VAL A 251 3.34 0.36 12.49
C VAL A 251 4.20 1.42 11.79
N PRO A 252 4.80 2.34 12.57
CA PRO A 252 5.66 3.37 11.97
C PRO A 252 6.89 2.76 11.36
N HIS A 253 7.45 3.45 10.36
CA HIS A 253 8.59 2.93 9.64
C HIS A 253 9.90 3.62 9.99
N TYR A 254 9.86 4.53 10.96
CA TYR A 254 11.01 5.37 11.29
C TYR A 254 11.53 5.00 12.70
N ALA A 255 12.76 5.41 12.99
CA ALA A 255 13.46 4.95 14.19
C ALA A 255 12.91 5.63 15.45
N LYS A 256 13.05 4.93 16.59
CA LYS A 256 12.70 5.47 17.90
C LYS A 256 11.25 5.96 17.97
N ASN A 257 10.35 5.17 17.37
CA ASN A 257 8.94 5.53 17.36
C ASN A 257 8.30 4.92 18.59
N LYS A 258 7.07 5.32 18.90
CA LYS A 258 6.45 4.77 20.09
C LYS A 258 5.30 3.79 19.84
N ALA A 259 5.41 3.00 18.78
CA ALA A 259 4.37 2.00 18.47
C ALA A 259 4.12 1.08 19.64
N VAL A 260 2.85 0.74 19.84
CA VAL A 260 2.39 -0.11 20.93
C VAL A 260 2.10 -1.57 20.52
N GLY A 261 2.74 -2.50 21.24
CA GLY A 261 2.38 -3.90 21.10
C GLY A 261 3.55 -4.82 20.80
N VAL A 262 3.31 -6.10 21.01
CA VAL A 262 4.34 -7.13 20.77
C VAL A 262 3.79 -8.20 19.83
N MET A 263 4.61 -8.56 18.83
CA MET A 263 4.21 -9.60 17.87
C MET A 263 3.91 -10.93 18.54
N LYS A 264 2.82 -11.54 18.09
CA LYS A 264 2.36 -12.85 18.54
C LYS A 264 1.89 -13.69 17.37
N SER A 265 2.13 -14.98 17.45
CA SER A 265 1.61 -15.92 16.45
C SER A 265 0.12 -15.68 16.25
N GLY A 266 -0.27 -15.42 15.00
CA GLY A 266 -1.68 -15.17 14.65
C GLY A 266 -2.06 -13.71 14.45
N HIS A 267 -1.10 -12.80 14.67
CA HIS A 267 -1.24 -11.39 14.28
C HIS A 267 -1.07 -11.24 12.78
N VAL A 268 -1.85 -10.33 12.21
CA VAL A 268 -1.72 -9.99 10.79
C VAL A 268 -1.63 -8.48 10.63
N PHE A 269 -0.62 -8.03 9.89
CA PHE A 269 -0.37 -6.61 9.75
C PHE A 269 0.44 -6.35 8.48
N THR A 270 0.56 -5.08 8.10
CA THR A 270 1.38 -4.72 6.96
C THR A 270 2.63 -4.02 7.41
N ILE A 271 3.64 -4.11 6.58
CA ILE A 271 4.81 -3.23 6.62
C ILE A 271 4.84 -2.59 5.22
N GLU A 272 4.89 -1.27 5.16
CA GLU A 272 4.75 -0.58 3.87
C GLU A 272 5.60 0.69 3.79
N PRO A 273 6.91 0.54 3.95
CA PRO A 273 7.72 1.75 4.13
C PRO A 273 7.74 2.68 2.88
N MET A 274 7.60 3.97 3.14
CA MET A 274 7.73 5.01 2.13
C MET A 274 9.03 5.76 2.41
N ILE A 275 9.89 5.76 1.41
CA ILE A 275 11.26 6.28 1.54
C ILE A 275 11.45 7.41 0.51
N CYS A 276 12.24 8.44 0.83
CA CYS A 276 12.30 9.63 -0.01
C CYS A 276 13.73 10.03 -0.38
N GLU A 277 13.90 10.53 -1.59
CA GLU A 277 15.16 11.03 -2.09
C GLU A 277 15.69 12.23 -1.31
N GLY A 278 14.77 13.09 -0.89
CA GLY A 278 15.10 14.31 -0.14
C GLY A 278 14.65 14.17 1.30
N GLY A 279 13.88 15.14 1.77
CA GLY A 279 13.42 15.16 3.16
C GLY A 279 12.21 14.28 3.35
N TRP A 280 11.83 14.08 4.62
CA TRP A 280 10.78 13.14 5.01
C TRP A 280 9.40 13.81 4.97
N GLN A 281 9.39 15.14 4.96
CA GLN A 281 8.16 15.89 5.12
C GLN A 281 7.18 15.70 3.96
N ASP A 282 5.92 15.51 4.34
CA ASP A 282 4.82 15.31 3.40
C ASP A 282 3.76 16.39 3.56
N GLU A 283 3.03 16.66 2.47
CA GLU A 283 1.81 17.44 2.57
C GLU A 283 0.76 16.84 1.64
N THR A 284 -0.49 17.26 1.81
CA THR A 284 -1.61 16.70 1.03
C THR A 284 -2.17 17.73 0.03
N TRP A 285 -2.35 17.27 -1.22
CA TRP A 285 -3.01 18.05 -2.28
C TRP A 285 -4.42 18.46 -1.87
N PRO A 286 -4.97 19.51 -2.53
CA PRO A 286 -6.34 19.95 -2.30
C PRO A 286 -7.39 18.84 -2.48
N ASP A 287 -7.07 17.77 -3.22
CA ASP A 287 -8.01 16.65 -3.38
C ASP A 287 -8.27 15.89 -2.06
N GLY A 288 -7.45 16.18 -1.04
CA GLY A 288 -7.67 15.60 0.28
C GLY A 288 -7.01 14.24 0.43
N TRP A 289 -6.37 13.75 -0.64
CA TRP A 289 -5.75 12.41 -0.64
C TRP A 289 -4.25 12.36 -1.01
N THR A 290 -3.89 13.01 -2.12
CA THR A 290 -2.57 12.82 -2.68
C THR A 290 -1.55 13.37 -1.67
N ALA A 291 -0.69 12.48 -1.18
CA ALA A 291 0.38 12.86 -0.25
C ALA A 291 1.63 13.01 -1.07
N VAL A 292 2.31 14.17 -0.95
CA VAL A 292 3.47 14.42 -1.77
C VAL A 292 4.63 14.87 -0.88
N THR A 293 5.85 14.65 -1.36
CA THR A 293 7.01 15.22 -0.66
C THR A 293 6.87 16.74 -0.71
N ARG A 294 7.12 17.39 0.43
CA ARG A 294 7.13 18.86 0.49
C ARG A 294 8.23 19.48 -0.39
N ASP A 295 9.32 18.75 -0.56
CA ASP A 295 10.41 19.19 -1.44
C ASP A 295 10.30 18.80 -2.91
N GLY A 296 9.30 17.98 -3.26
CA GLY A 296 9.06 17.62 -4.67
C GLY A 296 10.02 16.59 -5.24
N LYS A 297 10.85 16.01 -4.36
CA LYS A 297 11.75 14.93 -4.76
C LYS A 297 11.00 13.59 -4.66
N ARG A 298 11.60 12.54 -5.20
CA ARG A 298 10.84 11.28 -5.42
C ARG A 298 10.72 10.45 -4.15
N SER A 299 9.64 9.66 -4.10
CA SER A 299 9.40 8.73 -3.02
C SER A 299 9.03 7.36 -3.61
N ALA A 300 9.44 6.30 -2.94
CA ALA A 300 9.07 4.93 -3.33
C ALA A 300 8.56 4.12 -2.15
N GLN A 301 7.77 3.08 -2.45
CA GLN A 301 7.10 2.29 -1.41
C GLN A 301 6.97 0.82 -1.86
N PHE A 302 7.06 -0.09 -0.89
CA PHE A 302 6.71 -1.51 -1.11
C PHE A 302 5.94 -1.95 0.10
N GLU A 303 5.02 -2.92 -0.07
CA GLU A 303 4.15 -3.35 0.99
C GLU A 303 3.81 -4.82 0.83
N HIS A 304 3.81 -5.55 1.96
CA HIS A 304 3.23 -6.90 2.05
C HIS A 304 2.32 -6.97 3.27
N THR A 305 1.34 -7.88 3.22
CA THR A 305 0.53 -8.25 4.41
C THR A 305 1.16 -9.53 4.99
N LEU A 306 1.34 -9.55 6.32
CA LEU A 306 2.14 -10.58 6.98
C LEU A 306 1.29 -11.28 8.02
N LEU A 307 1.51 -12.57 8.19
CA LEU A 307 0.90 -13.32 9.28
C LEU A 307 2.02 -13.85 10.17
N VAL A 308 2.01 -13.47 11.46
CA VAL A 308 3.06 -13.91 12.40
C VAL A 308 2.80 -15.40 12.71
N THR A 309 3.85 -16.22 12.61
CA THR A 309 3.75 -17.68 12.84
C THR A 309 4.67 -18.03 14.00
N ASP A 310 4.67 -19.28 14.44
CA ASP A 310 5.57 -19.67 15.54
C ASP A 310 7.06 -19.49 15.20
N THR A 311 7.40 -19.61 13.93
CA THR A 311 8.80 -19.56 13.49
C THR A 311 9.25 -18.21 12.91
N GLY A 312 8.30 -17.32 12.65
CA GLY A 312 8.58 -16.06 12.01
C GLY A 312 7.33 -15.51 11.39
N CYS A 313 7.29 -15.46 10.08
CA CYS A 313 6.08 -14.99 9.42
C CYS A 313 5.85 -15.53 8.01
N GLU A 314 4.59 -15.50 7.63
CA GLU A 314 4.12 -15.95 6.33
C GLU A 314 3.86 -14.66 5.54
N ILE A 315 4.44 -14.54 4.36
CA ILE A 315 4.18 -13.36 3.52
C ILE A 315 2.96 -13.68 2.67
N LEU A 316 1.81 -13.19 3.10
CA LEU A 316 0.52 -13.61 2.51
C LEU A 316 0.36 -13.12 1.07
N THR A 317 0.98 -11.97 0.79
CA THR A 317 0.88 -11.31 -0.52
C THR A 317 2.07 -11.57 -1.44
N ARG A 318 2.85 -12.63 -1.14
CA ARG A 318 4.03 -13.00 -1.92
C ARG A 318 3.68 -13.26 -3.37
N ARG A 319 4.59 -12.87 -4.25
CA ARG A 319 4.51 -13.25 -5.65
C ARG A 319 4.79 -14.75 -5.76
N LEU A 320 4.00 -15.45 -6.58
CA LEU A 320 4.01 -16.91 -6.56
C LEU A 320 4.83 -17.50 -7.70
N ASP A 321 4.83 -16.80 -8.83
CA ASP A 321 5.49 -17.25 -10.05
C ASP A 321 6.87 -16.61 -10.28
N SER A 322 7.38 -15.86 -9.30
CA SER A 322 8.74 -15.35 -9.34
C SER A 322 9.24 -15.05 -7.93
N ALA A 323 10.54 -15.19 -7.74
CA ALA A 323 11.17 -14.96 -6.44
C ALA A 323 11.27 -13.47 -6.10
N ARG A 324 11.10 -12.63 -7.12
CA ARG A 324 11.45 -11.21 -7.04
C ARG A 324 10.31 -10.26 -7.42
N PRO A 325 10.37 -9.00 -6.96
CA PRO A 325 9.36 -8.03 -7.40
C PRO A 325 9.58 -7.59 -8.86
N HIS A 326 8.56 -6.96 -9.45
CA HIS A 326 8.57 -6.65 -10.87
C HIS A 326 9.74 -5.77 -11.33
N PHE A 327 10.18 -4.84 -10.49
CA PHE A 327 11.19 -3.87 -10.93
C PHE A 327 12.54 -4.57 -11.23
N MET A 328 12.73 -5.76 -10.68
CA MET A 328 13.95 -6.51 -10.91
C MET A 328 13.89 -7.38 -12.17
N SER A 329 12.70 -7.45 -12.78
CA SER A 329 12.34 -8.54 -13.67
C SER A 329 12.06 -8.03 -15.07
#